data_5YNV
#
_entry.id   5YNV
#
_cell.length_a   93.917
_cell.length_b   211.420
_cell.length_c   82.520
_cell.angle_alpha   90.000
_cell.angle_beta   90.000
_cell.angle_gamma   90.000
#
_symmetry.space_group_name_H-M   'C 2 2 21'
#
loop_
_entity.id
_entity.type
_entity.pdbx_description
1 polymer 'aromatic prenyltransferase'
2 non-polymer 'DIMETHYLALLYL S-THIOLODIPHOSPHATE'
3 non-polymer GLYCEROL
4 water water
#
_entity_poly.entity_id   1
_entity_poly.type   'polypeptide(L)'
_entity_poly.pdbx_seq_one_letter_code
;GSAGAGAMTIVNRIRTDVVNVAKSFGAEYSEAVIDQIFQGFGEKFTNTGFAIRVQNKRNQKVDCNIRYGEAKENCLAWDI
ARESGLLSDQGHPVDTLIQEMFQAIPAIAYGADFDINYGLVKIWHLPKIVPVEEAFKIPSLPKSVNAHIDFFKKYHLDAL
CALTVDYRNKSTNLYFDAHHPEQRTTQFYKNILQSQQFEVPSDEVLEILVNCPEIAVTFNWSSPGIERMCFYTAFVNRET
VPQHINPVLKKFAQEAPALLDNPGFLVGWSFGPDAKKGTYIKIDVDYHGLVVPSFFHMHNLPLPIPEANSVFDLPSSDTE
DKLNSIVMS
;
_entity_poly.pdbx_strand_id   A,B
#
loop_
_chem_comp.id
_chem_comp.type
_chem_comp.name
_chem_comp.formula
DST non-polymer 'DIMETHYLALLYL S-THIOLODIPHOSPHATE' 'C5 H12 O6 P2 S'
GOL non-polymer GLYCEROL 'C3 H8 O3'
#
# COMPACT_ATOMS: atom_id res chain seq x y z
N SER A 2 23.04 -35.22 -23.69
CA SER A 2 22.61 -33.80 -23.47
C SER A 2 21.23 -33.55 -24.11
N ALA A 3 20.56 -34.66 -24.41
CA ALA A 3 19.10 -34.70 -24.47
C ALA A 3 18.49 -34.58 -23.08
N GLY A 4 18.11 -33.34 -22.75
CA GLY A 4 17.66 -32.97 -21.41
C GLY A 4 18.74 -32.69 -20.35
N ALA A 5 19.98 -32.44 -20.77
CA ALA A 5 21.06 -32.10 -19.81
C ALA A 5 22.24 -31.32 -20.44
N GLY A 6 23.15 -30.80 -19.60
CA GLY A 6 24.41 -30.19 -20.06
C GLY A 6 24.21 -28.85 -20.76
N ALA A 7 25.00 -28.55 -21.79
CA ALA A 7 24.71 -27.36 -22.62
C ALA A 7 23.37 -27.58 -23.31
N MET A 8 22.53 -26.54 -23.24
CA MET A 8 21.20 -26.61 -23.83
C MET A 8 20.61 -25.21 -23.96
N THR A 9 19.66 -25.06 -24.86
CA THR A 9 19.03 -23.77 -25.05
C THR A 9 18.21 -23.55 -23.78
N ILE A 10 17.92 -22.29 -23.48
CA ILE A 10 17.12 -22.01 -22.31
C ILE A 10 15.77 -22.72 -22.41
N VAL A 11 15.16 -22.74 -23.61
CA VAL A 11 13.82 -23.36 -23.70
C VAL A 11 13.88 -24.86 -23.38
N ASN A 12 14.96 -25.53 -23.78
CA ASN A 12 15.11 -26.93 -23.35
C ASN A 12 15.34 -27.12 -21.85
N ARG A 13 16.08 -26.20 -21.23
CA ARG A 13 16.24 -26.21 -19.76
C ARG A 13 14.89 -26.05 -19.08
N ILE A 14 14.04 -25.16 -19.61
CA ILE A 14 12.72 -24.99 -19.04
C ILE A 14 11.91 -26.30 -19.15
N ARG A 15 11.87 -26.89 -20.33
CA ARG A 15 11.07 -28.13 -20.53
C ARG A 15 11.51 -29.22 -19.54
N THR A 16 12.81 -29.41 -19.41
CA THR A 16 13.30 -30.44 -18.49
C THR A 16 12.91 -30.12 -17.05
N ASP A 17 13.05 -28.86 -16.64
CA ASP A 17 12.67 -28.47 -15.28
C ASP A 17 11.17 -28.72 -15.03
N VAL A 18 10.35 -28.39 -16.03
CA VAL A 18 8.89 -28.55 -15.89
C VAL A 18 8.55 -30.03 -15.70
N VAL A 19 9.16 -30.90 -16.53
CA VAL A 19 8.87 -32.33 -16.37
C VAL A 19 9.38 -32.86 -15.02
N ASN A 20 10.53 -32.36 -14.58
CA ASN A 20 11.06 -32.80 -13.28
C ASN A 20 10.11 -32.42 -12.15
N VAL A 21 9.58 -31.20 -12.17
CA VAL A 21 8.63 -30.78 -11.13
C VAL A 21 7.46 -31.75 -11.13
N ALA A 22 6.86 -31.89 -12.31
CA ALA A 22 5.64 -32.69 -12.41
C ALA A 22 5.91 -34.08 -11.84
N LYS A 23 7.00 -34.70 -12.26
CA LYS A 23 7.32 -36.06 -11.73
C LYS A 23 7.44 -36.04 -10.20
N SER A 24 8.18 -35.06 -9.69
CA SER A 24 8.46 -35.00 -8.27
C SER A 24 7.18 -34.87 -7.44
N PHE A 25 6.20 -34.08 -7.92
CA PHE A 25 4.95 -33.87 -7.20
C PHE A 25 3.84 -34.84 -7.58
N GLY A 26 4.11 -35.76 -8.49
CA GLY A 26 3.09 -36.74 -8.89
C GLY A 26 2.01 -36.16 -9.79
N ALA A 27 2.29 -35.03 -10.43
CA ALA A 27 1.29 -34.43 -11.32
C ALA A 27 1.20 -35.20 -12.64
N GLU A 28 0.00 -35.32 -13.19
CA GLU A 28 -0.15 -35.95 -14.51
C GLU A 28 0.29 -34.97 -15.57
N TYR A 29 0.82 -35.51 -16.67
CA TYR A 29 1.12 -34.66 -17.81
C TYR A 29 1.10 -35.50 -19.06
N SER A 30 1.03 -34.84 -20.20
CA SER A 30 0.98 -35.51 -21.51
C SER A 30 2.17 -34.97 -22.30
N GLU A 31 3.03 -35.86 -22.81
CA GLU A 31 4.15 -35.41 -23.63
C GLU A 31 3.68 -34.70 -24.88
N ALA A 32 2.57 -35.15 -25.47
CA ALA A 32 2.08 -34.51 -26.70
C ALA A 32 1.63 -33.08 -26.37
N VAL A 33 0.92 -32.91 -25.26
CA VAL A 33 0.44 -31.59 -24.86
C VAL A 33 1.64 -30.69 -24.52
N ILE A 34 2.62 -31.22 -23.80
CA ILE A 34 3.80 -30.38 -23.51
C ILE A 34 4.46 -29.91 -24.80
N ASP A 35 4.70 -30.84 -25.72
CA ASP A 35 5.36 -30.43 -26.96
C ASP A 35 4.54 -29.38 -27.71
N GLN A 36 3.22 -29.58 -27.77
CA GLN A 36 2.35 -28.65 -28.48
C GLN A 36 2.44 -27.24 -27.85
N ILE A 37 2.45 -27.17 -26.52
CA ILE A 37 2.56 -25.87 -25.81
C ILE A 37 3.90 -25.22 -26.16
N PHE A 38 4.97 -25.99 -26.09
CA PHE A 38 6.29 -25.41 -26.31
C PHE A 38 6.54 -24.99 -27.77
N GLN A 39 5.97 -25.71 -28.73
CA GLN A 39 6.10 -25.28 -30.13
C GLN A 39 5.61 -23.84 -30.29
N GLY A 40 4.47 -23.51 -29.67
CA GLY A 40 3.89 -22.18 -29.83
C GLY A 40 4.52 -21.14 -28.91
N PHE A 41 4.76 -21.55 -27.67
CA PHE A 41 5.00 -20.58 -26.60
C PHE A 41 6.41 -20.64 -25.98
N GLY A 42 7.26 -21.58 -26.42
CA GLY A 42 8.58 -21.76 -25.77
C GLY A 42 9.45 -20.51 -25.77
N GLU A 43 9.41 -19.77 -26.88
CA GLU A 43 10.20 -18.55 -26.95
C GLU A 43 9.70 -17.48 -25.98
N LYS A 44 8.38 -17.38 -25.82
CA LYS A 44 7.80 -16.49 -24.82
C LYS A 44 8.29 -16.89 -23.43
N PHE A 45 8.28 -18.19 -23.15
CA PHE A 45 8.65 -18.67 -21.79
C PHE A 45 10.11 -18.29 -21.48
N THR A 46 10.91 -18.19 -22.52
CA THR A 46 12.34 -17.88 -22.40
C THR A 46 12.59 -16.43 -22.00
N ASN A 47 11.74 -15.53 -22.50
CA ASN A 47 12.08 -14.10 -22.53
C ASN A 47 11.18 -13.23 -21.71
N THR A 48 10.16 -13.79 -21.06
CA THR A 48 9.17 -12.97 -20.36
C THR A 48 8.95 -13.51 -18.93
N GLY A 49 8.00 -12.92 -18.21
CA GLY A 49 7.72 -13.35 -16.83
C GLY A 49 7.02 -14.71 -16.81
N PHE A 50 7.81 -15.75 -16.59
CA PHE A 50 7.38 -17.13 -16.69
C PHE A 50 7.34 -17.74 -15.29
N ALA A 51 6.36 -18.62 -15.03
CA ALA A 51 6.29 -19.25 -13.71
C ALA A 51 5.83 -20.69 -13.86
N ILE A 52 6.25 -21.55 -12.93
CA ILE A 52 5.74 -22.92 -12.86
C ILE A 52 4.92 -22.97 -11.58
N ARG A 53 3.70 -23.50 -11.67
CA ARG A 53 2.80 -23.60 -10.51
C ARG A 53 2.56 -25.09 -10.15
N VAL A 54 2.49 -25.40 -8.87
CA VAL A 54 1.76 -26.58 -8.42
C VAL A 54 0.59 -26.18 -7.52
N GLN A 55 -0.48 -26.97 -7.56
CA GLN A 55 -1.61 -26.71 -6.67
C GLN A 55 -2.13 -28.06 -6.25
N ASN A 56 -2.79 -28.08 -5.08
CA ASN A 56 -3.16 -29.33 -4.41
C ASN A 56 -4.64 -29.38 -4.08
N LYS A 57 -5.51 -29.55 -5.07
CA LYS A 57 -6.95 -29.76 -4.78
C LYS A 57 -7.24 -31.05 -3.98
N ARG A 58 -8.23 -30.97 -3.09
CA ARG A 58 -8.58 -32.11 -2.22
C ARG A 58 -9.04 -33.28 -3.06
N ASN A 59 -8.59 -34.48 -2.69
CA ASN A 59 -9.04 -35.71 -3.35
C ASN A 59 -8.68 -35.76 -4.85
N GLN A 60 -7.60 -35.11 -5.24
CA GLN A 60 -7.05 -35.39 -6.56
C GLN A 60 -5.55 -35.20 -6.60
N LYS A 61 -4.94 -35.57 -7.72
CA LYS A 61 -3.50 -35.40 -7.85
C LYS A 61 -3.16 -33.92 -7.90
N VAL A 62 -1.95 -33.57 -7.48
CA VAL A 62 -1.41 -32.23 -7.70
C VAL A 62 -1.45 -31.92 -9.19
N ASP A 63 -1.81 -30.68 -9.55
CA ASP A 63 -1.74 -30.23 -10.93
C ASP A 63 -0.47 -29.40 -11.07
N CYS A 64 0.13 -29.49 -12.26
CA CYS A 64 1.28 -28.66 -12.59
C CYS A 64 0.91 -27.75 -13.77
N ASN A 65 1.08 -26.44 -13.58
CA ASN A 65 0.72 -25.46 -14.66
C ASN A 65 1.98 -24.69 -14.99
N ILE A 66 2.06 -24.17 -16.21
CA ILE A 66 3.13 -23.24 -16.57
C ILE A 66 2.45 -22.03 -17.20
N ARG A 67 2.99 -20.85 -16.96
CA ARG A 67 2.25 -19.65 -17.37
C ARG A 67 3.26 -18.53 -17.63
N TYR A 68 2.84 -17.51 -18.37
CA TYR A 68 3.70 -16.35 -18.55
C TYR A 68 2.82 -15.12 -18.81
N GLY A 69 3.41 -13.95 -18.65
CA GLY A 69 2.78 -12.70 -19.03
C GLY A 69 3.80 -11.81 -19.70
N GLU A 70 3.34 -10.88 -20.51
CA GLU A 70 4.25 -9.83 -21.03
C GLU A 70 3.47 -8.57 -21.33
N ALA A 71 4.19 -7.44 -21.32
CA ALA A 71 3.58 -6.11 -21.43
C ALA A 71 3.37 -5.78 -22.90
N LYS A 72 2.39 -6.44 -23.50
CA LYS A 72 1.97 -6.13 -24.87
C LYS A 72 0.50 -5.78 -24.81
N GLU A 73 0.06 -4.83 -25.65
CA GLU A 73 -1.31 -4.33 -25.53
C GLU A 73 -2.32 -5.23 -26.21
N ASN A 74 -1.85 -6.09 -27.12
CA ASN A 74 -2.71 -7.03 -27.82
C ASN A 74 -2.59 -8.42 -27.25
N CYS A 75 -3.65 -9.22 -27.43
CA CYS A 75 -3.68 -10.54 -26.86
C CYS A 75 -2.93 -11.56 -27.73
N LEU A 76 -1.60 -11.57 -27.63
CA LEU A 76 -0.78 -12.31 -28.60
C LEU A 76 -1.00 -13.81 -28.42
N ALA A 77 -1.35 -14.23 -27.20
CA ALA A 77 -1.53 -15.66 -26.97
C ALA A 77 -2.65 -16.25 -27.81
N TRP A 78 -3.65 -15.43 -28.12
CA TRP A 78 -4.84 -16.00 -28.76
C TRP A 78 -4.49 -16.56 -30.14
N ASP A 79 -3.80 -15.75 -30.94
CA ASP A 79 -3.40 -16.22 -32.27
C ASP A 79 -2.50 -17.45 -32.17
N ILE A 80 -1.55 -17.40 -31.23
CA ILE A 80 -0.58 -18.48 -31.11
C ILE A 80 -1.29 -19.79 -30.71
N ALA A 81 -2.23 -19.67 -29.78
CA ALA A 81 -2.96 -20.86 -29.31
C ALA A 81 -3.87 -21.42 -30.39
N ARG A 82 -4.53 -20.54 -31.14
CA ARG A 82 -5.43 -21.00 -32.19
C ARG A 82 -4.64 -21.77 -33.25
N GLU A 83 -3.53 -21.19 -33.67
CA GLU A 83 -2.67 -21.79 -34.71
C GLU A 83 -2.09 -23.12 -34.25
N SER A 84 -1.90 -23.24 -32.94
CA SER A 84 -1.22 -24.35 -32.31
C SER A 84 -2.19 -25.50 -32.09
N GLY A 85 -3.48 -25.27 -32.36
CA GLY A 85 -4.48 -26.28 -32.06
C GLY A 85 -4.83 -26.37 -30.58
N LEU A 86 -4.51 -25.32 -29.83
CA LEU A 86 -4.73 -25.35 -28.38
C LEU A 86 -6.02 -24.67 -27.98
N LEU A 87 -6.75 -24.09 -28.93
CA LEU A 87 -7.92 -23.33 -28.50
C LEU A 87 -9.07 -23.46 -29.48
N SER A 88 -9.96 -24.43 -29.23
CA SER A 88 -11.08 -24.66 -30.15
C SER A 88 -12.35 -24.08 -29.56
N ASP A 89 -13.25 -23.59 -30.41
CA ASP A 89 -14.54 -23.13 -29.93
C ASP A 89 -15.30 -24.29 -29.28
N GLN A 90 -16.03 -23.93 -28.23
CA GLN A 90 -16.90 -24.87 -27.51
C GLN A 90 -18.39 -24.60 -27.69
N GLY A 91 -18.75 -23.54 -28.42
CA GLY A 91 -20.18 -23.17 -28.52
C GLY A 91 -20.66 -22.63 -27.19
N HIS A 92 -20.01 -21.59 -26.71
CA HIS A 92 -20.14 -21.23 -25.30
C HIS A 92 -19.70 -19.77 -25.21
N PRO A 93 -20.17 -19.05 -24.17
CA PRO A 93 -19.70 -17.68 -23.92
C PRO A 93 -18.17 -17.51 -23.86
N VAL A 94 -17.44 -18.51 -23.35
CA VAL A 94 -15.97 -18.33 -23.27
C VAL A 94 -15.31 -18.10 -24.64
N ASP A 95 -15.92 -18.60 -25.73
CA ASP A 95 -15.29 -18.54 -27.06
C ASP A 95 -14.92 -17.13 -27.47
N THR A 96 -15.79 -16.12 -27.19
CA THR A 96 -15.48 -14.78 -27.59
C THR A 96 -15.06 -13.89 -26.42
N LEU A 97 -15.04 -14.42 -25.21
CA LEU A 97 -14.91 -13.52 -24.03
C LEU A 97 -13.58 -12.76 -23.97
N ILE A 98 -12.45 -13.42 -24.25
CA ILE A 98 -11.19 -12.69 -24.13
C ILE A 98 -11.13 -11.57 -25.20
N GLN A 99 -11.67 -11.86 -26.39
CA GLN A 99 -11.76 -10.82 -27.42
C GLN A 99 -12.59 -9.64 -26.96
N GLU A 100 -13.69 -9.93 -26.26
CA GLU A 100 -14.57 -8.84 -25.80
C GLU A 100 -13.84 -8.02 -24.75
N MET A 101 -13.03 -8.71 -23.92
CA MET A 101 -12.33 -8.02 -22.85
C MET A 101 -11.33 -7.04 -23.43
N PHE A 102 -10.57 -7.48 -24.45
CA PHE A 102 -9.62 -6.58 -25.10
C PHE A 102 -10.26 -5.45 -25.87
N GLN A 103 -11.49 -5.66 -26.33
CA GLN A 103 -12.21 -4.56 -26.98
C GLN A 103 -12.69 -3.55 -25.96
N ALA A 104 -13.22 -4.06 -24.85
CA ALA A 104 -13.93 -3.21 -23.87
C ALA A 104 -13.00 -2.33 -23.04
N ILE A 105 -11.83 -2.89 -22.67
CA ILE A 105 -10.92 -2.20 -21.74
C ILE A 105 -9.53 -2.30 -22.30
N PRO A 106 -8.84 -1.15 -22.41
CA PRO A 106 -7.47 -1.20 -22.98
C PRO A 106 -6.57 -2.05 -22.07
N ALA A 107 -5.77 -2.91 -22.68
CA ALA A 107 -4.82 -3.72 -21.89
C ALA A 107 -3.43 -3.11 -21.91
N ILE A 108 -2.70 -3.25 -20.81
CA ILE A 108 -1.26 -2.94 -20.80
C ILE A 108 -0.41 -4.22 -20.79
N ALA A 109 -1.04 -5.37 -20.55
CA ALA A 109 -0.32 -6.65 -20.64
C ALA A 109 -1.33 -7.78 -20.86
N TYR A 110 -0.85 -8.97 -21.10
CA TYR A 110 -1.69 -10.14 -21.21
C TYR A 110 -0.86 -11.34 -20.74
N GLY A 111 -1.51 -12.49 -20.55
CA GLY A 111 -0.71 -13.68 -20.30
C GLY A 111 -1.52 -14.92 -20.61
N ALA A 112 -0.89 -16.07 -20.46
CA ALA A 112 -1.60 -17.32 -20.72
C ALA A 112 -1.15 -18.35 -19.71
N ASP A 113 -2.00 -19.36 -19.48
CA ASP A 113 -1.81 -20.35 -18.45
C ASP A 113 -2.10 -21.72 -19.07
N PHE A 114 -1.26 -22.70 -18.79
CA PHE A 114 -1.36 -24.04 -19.40
C PHE A 114 -1.27 -25.10 -18.29
N ASP A 115 -2.12 -26.12 -18.37
CA ASP A 115 -1.93 -27.31 -17.52
C ASP A 115 -1.28 -28.34 -18.45
N ILE A 116 -0.13 -28.87 -18.01
CA ILE A 116 0.67 -29.72 -18.88
C ILE A 116 0.01 -31.09 -19.14
N ASN A 117 -1.14 -31.34 -18.51
CA ASN A 117 -1.91 -32.55 -18.81
C ASN A 117 -3.11 -32.26 -19.71
N TYR A 118 -3.25 -31.00 -20.12
CA TYR A 118 -4.48 -30.55 -20.79
C TYR A 118 -4.21 -29.68 -22.03
N GLY A 119 -3.47 -28.59 -21.83
CA GLY A 119 -3.27 -27.57 -22.88
C GLY A 119 -3.53 -26.19 -22.30
N LEU A 120 -4.01 -25.26 -23.12
CA LEU A 120 -4.26 -23.88 -22.69
C LEU A 120 -5.48 -23.89 -21.78
N VAL A 121 -5.31 -23.36 -20.57
CA VAL A 121 -6.45 -23.27 -19.62
C VAL A 121 -7.02 -21.86 -19.60
N LYS A 122 -6.14 -20.83 -19.54
CA LYS A 122 -6.63 -19.43 -19.40
C LYS A 122 -5.81 -18.49 -20.27
N ILE A 123 -6.44 -17.36 -20.58
CA ILE A 123 -5.73 -16.19 -21.03
C ILE A 123 -6.10 -15.06 -20.07
N TRP A 124 -5.10 -14.22 -19.71
CA TRP A 124 -5.36 -13.08 -18.83
C TRP A 124 -5.32 -11.80 -19.64
N HIS A 125 -6.13 -10.85 -19.20
CA HIS A 125 -6.15 -9.46 -19.69
C HIS A 125 -5.75 -8.59 -18.50
N LEU A 126 -4.73 -7.72 -18.66
CA LEU A 126 -4.34 -6.82 -17.57
C LEU A 126 -4.47 -5.39 -18.04
N PRO A 127 -5.44 -4.66 -17.49
CA PRO A 127 -5.51 -3.22 -17.78
C PRO A 127 -4.68 -2.47 -16.77
N LYS A 128 -4.60 -1.14 -16.91
CA LYS A 128 -4.24 -0.33 -15.73
C LYS A 128 -5.41 -0.49 -14.75
N ILE A 129 -5.17 -0.22 -13.47
CA ILE A 129 -6.26 -0.36 -12.50
C ILE A 129 -7.43 0.56 -12.89
N VAL A 130 -8.61 -0.04 -13.00
CA VAL A 130 -9.80 0.71 -13.43
C VAL A 130 -10.97 0.41 -12.48
N PRO A 131 -12.00 1.27 -12.51
CA PRO A 131 -13.18 0.94 -11.69
C PRO A 131 -13.81 -0.36 -12.19
N VAL A 132 -14.31 -1.17 -11.26
CA VAL A 132 -14.89 -2.48 -11.59
C VAL A 132 -16.02 -2.33 -12.59
N GLU A 133 -16.75 -1.20 -12.55
CA GLU A 133 -17.89 -1.02 -13.44
C GLU A 133 -17.50 -1.13 -14.93
N GLU A 134 -16.23 -0.85 -15.26
CA GLU A 134 -15.76 -0.99 -16.65
CA GLU A 134 -15.80 -0.98 -16.66
C GLU A 134 -16.02 -2.41 -17.19
N ALA A 135 -16.01 -3.40 -16.30
CA ALA A 135 -16.20 -4.78 -16.77
C ALA A 135 -17.63 -5.00 -17.27
N PHE A 136 -18.58 -4.17 -16.83
CA PHE A 136 -19.99 -4.50 -17.08
C PHE A 136 -20.37 -4.26 -18.54
N LYS A 137 -19.48 -3.62 -19.28
CA LYS A 137 -19.55 -3.46 -20.74
C LYS A 137 -19.43 -4.76 -21.54
N ILE A 138 -18.87 -5.81 -20.93
CA ILE A 138 -18.42 -7.00 -21.66
C ILE A 138 -19.62 -7.91 -21.83
N PRO A 139 -20.05 -8.15 -23.10
CA PRO A 139 -21.33 -8.83 -23.38
C PRO A 139 -21.44 -10.22 -22.75
N SER A 140 -20.37 -11.00 -22.82
CA SER A 140 -20.50 -12.41 -22.49
C SER A 140 -20.14 -12.73 -21.05
N LEU A 141 -19.93 -11.71 -20.23
CA LEU A 141 -19.67 -11.98 -18.79
C LEU A 141 -20.87 -12.71 -18.20
N PRO A 142 -20.64 -13.62 -17.26
CA PRO A 142 -21.78 -14.24 -16.59
C PRO A 142 -22.69 -13.19 -15.96
N LYS A 143 -24.01 -13.43 -15.98
CA LYS A 143 -24.98 -12.50 -15.38
C LYS A 143 -24.70 -12.31 -13.89
N SER A 144 -24.06 -13.31 -13.26
CA SER A 144 -23.77 -13.23 -11.83
C SER A 144 -22.80 -12.08 -11.51
N VAL A 145 -22.00 -11.65 -12.49
CA VAL A 145 -21.04 -10.57 -12.18
C VAL A 145 -21.77 -9.26 -11.87
N ASN A 146 -22.64 -8.82 -12.78
CA ASN A 146 -23.42 -7.60 -12.53
C ASN A 146 -24.24 -7.70 -11.25
N ALA A 147 -24.72 -8.91 -10.98
CA ALA A 147 -25.57 -9.13 -9.80
C ALA A 147 -24.80 -8.96 -8.49
N HIS A 148 -23.47 -8.94 -8.57
CA HIS A 148 -22.65 -8.78 -7.37
C HIS A 148 -22.10 -7.38 -7.18
N ILE A 149 -22.72 -6.39 -7.84
CA ILE A 149 -22.36 -4.98 -7.65
C ILE A 149 -22.29 -4.57 -6.16
N ASP A 150 -23.32 -4.92 -5.38
CA ASP A 150 -23.34 -4.51 -3.98
C ASP A 150 -22.29 -5.24 -3.15
N PHE A 151 -22.05 -6.52 -3.47
CA PHE A 151 -20.99 -7.31 -2.81
C PHE A 151 -19.61 -6.69 -3.09
N PHE A 152 -19.31 -6.33 -4.33
CA PHE A 152 -18.02 -5.69 -4.64
C PHE A 152 -17.86 -4.40 -3.82
N LYS A 153 -18.90 -3.58 -3.75
CA LYS A 153 -18.80 -2.30 -3.05
C LYS A 153 -18.55 -2.56 -1.55
N LYS A 154 -19.31 -3.49 -0.98
CA LYS A 154 -19.21 -3.77 0.44
C LYS A 154 -17.81 -4.19 0.84
N TYR A 155 -17.14 -4.97 -0.01
CA TYR A 155 -15.85 -5.52 0.35
C TYR A 155 -14.70 -4.78 -0.31
N HIS A 156 -14.92 -3.54 -0.71
CA HIS A 156 -13.87 -2.69 -1.27
C HIS A 156 -13.20 -3.36 -2.45
N LEU A 157 -14.01 -4.01 -3.27
CA LEU A 157 -13.55 -4.57 -4.54
C LEU A 157 -13.94 -3.59 -5.66
N ASP A 158 -13.32 -2.41 -5.61
CA ASP A 158 -13.70 -1.33 -6.51
C ASP A 158 -12.63 -1.13 -7.58
N ALA A 159 -11.48 -1.78 -7.43
CA ALA A 159 -10.32 -1.49 -8.26
C ALA A 159 -9.89 -2.75 -9.01
N LEU A 160 -10.36 -2.88 -10.24
CA LEU A 160 -10.14 -4.08 -11.04
C LEU A 160 -8.75 -4.00 -11.63
N CYS A 161 -7.93 -5.04 -11.45
CA CYS A 161 -6.53 -5.01 -11.90
C CYS A 161 -6.20 -6.11 -12.91
N ALA A 162 -7.14 -7.02 -13.15
CA ALA A 162 -6.98 -8.06 -14.19
C ALA A 162 -8.29 -8.83 -14.40
N LEU A 163 -8.37 -9.55 -15.52
CA LEU A 163 -9.50 -10.40 -15.85
C LEU A 163 -8.92 -11.67 -16.44
N THR A 164 -9.64 -12.78 -16.34
CA THR A 164 -9.20 -13.97 -17.05
C THR A 164 -10.39 -14.76 -17.55
N VAL A 165 -10.14 -15.59 -18.56
CA VAL A 165 -11.13 -16.54 -19.07
C VAL A 165 -10.56 -17.92 -18.87
N ASP A 166 -11.31 -18.80 -18.20
CA ASP A 166 -10.86 -20.19 -18.03
C ASP A 166 -11.69 -21.08 -18.97
N TYR A 167 -11.07 -21.48 -20.07
CA TYR A 167 -11.75 -22.22 -21.15
C TYR A 167 -12.08 -23.64 -20.69
N ARG A 168 -11.29 -24.17 -19.77
CA ARG A 168 -11.50 -25.55 -19.33
C ARG A 168 -12.67 -25.58 -18.34
N ASN A 169 -12.60 -24.71 -17.33
CA ASN A 169 -13.54 -24.70 -16.22
C ASN A 169 -14.84 -23.96 -16.62
N LYS A 170 -14.81 -23.25 -17.75
CA LYS A 170 -15.96 -22.40 -18.17
C LYS A 170 -16.30 -21.38 -17.08
N SER A 171 -15.28 -20.62 -16.70
CA SER A 171 -15.47 -19.60 -15.67
C SER A 171 -14.61 -18.40 -16.01
N THR A 172 -14.82 -17.33 -15.24
CA THR A 172 -14.03 -16.11 -15.44
C THR A 172 -13.67 -15.59 -14.06
N ASN A 173 -12.50 -14.98 -13.91
CA ASN A 173 -12.15 -14.34 -12.62
C ASN A 173 -12.02 -12.87 -12.84
N LEU A 174 -12.49 -12.11 -11.86
CA LEU A 174 -12.13 -10.70 -11.76
C LEU A 174 -11.11 -10.58 -10.64
N TYR A 175 -10.04 -9.81 -10.88
CA TYR A 175 -8.95 -9.62 -9.90
C TYR A 175 -9.00 -8.17 -9.46
N PHE A 176 -8.82 -7.97 -8.16
CA PHE A 176 -8.91 -6.64 -7.54
C PHE A 176 -7.60 -6.28 -6.85
N ASP A 177 -7.26 -5.00 -6.93
CA ASP A 177 -6.15 -4.45 -6.15
C ASP A 177 -6.69 -4.28 -4.72
N ALA A 178 -6.11 -5.00 -3.75
CA ALA A 178 -6.64 -5.01 -2.39
C ALA A 178 -6.04 -3.86 -1.59
N HIS A 179 -6.40 -2.64 -1.98
CA HIS A 179 -5.72 -1.44 -1.47
C HIS A 179 -6.29 -0.94 -0.14
N HIS A 180 -7.49 -1.39 0.24
CA HIS A 180 -8.20 -0.68 1.30
C HIS A 180 -7.66 -1.09 2.67
N PRO A 181 -7.50 -0.13 3.60
CA PRO A 181 -6.95 -0.53 4.90
C PRO A 181 -7.80 -1.62 5.61
N GLU A 182 -9.10 -1.73 5.31
CA GLU A 182 -9.87 -2.81 5.94
C GLU A 182 -9.30 -4.17 5.52
N GLN A 183 -8.72 -4.22 4.32
CA GLN A 183 -8.16 -5.47 3.82
C GLN A 183 -6.83 -5.83 4.49
N ARG A 184 -6.37 -5.01 5.44
CA ARG A 184 -5.21 -5.29 6.26
C ARG A 184 -5.63 -5.91 7.60
N THR A 185 -6.90 -6.25 7.74
CA THR A 185 -7.38 -6.81 9.01
C THR A 185 -7.86 -8.24 8.83
N THR A 186 -7.64 -9.10 9.82
CA THR A 186 -8.10 -10.48 9.68
C THR A 186 -9.64 -10.57 9.58
N GLN A 187 -10.36 -9.67 10.25
CA GLN A 187 -11.83 -9.69 10.20
C GLN A 187 -12.37 -9.57 8.78
N PHE A 188 -11.74 -8.72 7.96
CA PHE A 188 -12.16 -8.60 6.55
C PHE A 188 -12.27 -10.00 5.89
N TYR A 189 -11.22 -10.80 6.04
CA TYR A 189 -11.17 -12.14 5.40
C TYR A 189 -12.21 -13.10 6.00
N LYS A 190 -12.40 -13.02 7.31
CA LYS A 190 -13.46 -13.84 7.94
C LYS A 190 -14.78 -13.42 7.33
N ASN A 191 -15.00 -12.11 7.20
CA ASN A 191 -16.28 -11.60 6.73
C ASN A 191 -16.52 -11.96 5.27
N ILE A 192 -15.54 -11.75 4.41
CA ILE A 192 -15.81 -11.96 2.98
C ILE A 192 -16.02 -13.46 2.73
N LEU A 193 -15.25 -14.29 3.43
CA LEU A 193 -15.43 -15.76 3.30
C LEU A 193 -16.79 -16.21 3.87
N GLN A 194 -17.15 -15.70 5.04
CA GLN A 194 -18.46 -16.02 5.60
C GLN A 194 -19.63 -15.53 4.72
N SER A 195 -19.45 -14.40 4.00
CA SER A 195 -20.50 -13.90 3.10
C SER A 195 -20.93 -14.93 2.03
N GLN A 196 -20.02 -15.85 1.69
CA GLN A 196 -20.27 -16.85 0.65
C GLN A 196 -20.41 -18.24 1.26
N GLN A 197 -20.40 -18.33 2.56
CA GLN A 197 -20.47 -19.61 3.21
C GLN A 197 -19.24 -20.48 2.86
N PHE A 198 -18.00 -19.72 2.69
CA PHE A 198 -16.86 -20.54 2.49
C PHE A 198 -16.20 -20.90 3.82
N GLU A 199 -15.27 -21.82 3.69
CA GLU A 199 -14.40 -22.25 4.75
C GLU A 199 -13.54 -21.08 5.28
N VAL A 200 -13.45 -20.88 6.57
CA VAL A 200 -12.60 -19.84 7.12
C VAL A 200 -11.36 -20.52 7.64
N PRO A 201 -10.18 -20.06 7.23
CA PRO A 201 -8.96 -20.72 7.66
C PRO A 201 -8.52 -20.44 9.09
N SER A 202 -7.46 -21.09 9.51
CA SER A 202 -6.91 -20.90 10.85
C SER A 202 -6.50 -19.45 11.06
N ASP A 203 -6.27 -19.08 12.31
CA ASP A 203 -5.79 -17.74 12.61
C ASP A 203 -4.43 -17.50 11.97
N GLU A 204 -3.61 -18.54 11.94
CA GLU A 204 -2.28 -18.40 11.38
C GLU A 204 -2.37 -18.01 9.91
N VAL A 205 -3.26 -18.64 9.15
CA VAL A 205 -3.47 -18.28 7.76
C VAL A 205 -4.08 -16.88 7.61
N LEU A 206 -5.01 -16.52 8.49
CA LEU A 206 -5.61 -15.20 8.41
C LEU A 206 -4.51 -14.15 8.56
N GLU A 207 -3.50 -14.42 9.39
CA GLU A 207 -2.44 -13.42 9.65
C GLU A 207 -1.53 -13.25 8.46
N ILE A 208 -1.52 -14.25 7.58
CA ILE A 208 -0.81 -14.18 6.30
C ILE A 208 -1.64 -13.39 5.30
N LEU A 209 -2.96 -13.59 5.35
CA LEU A 209 -3.84 -12.95 4.34
C LEU A 209 -3.83 -11.44 4.39
N VAL A 210 -3.62 -10.89 5.59
CA VAL A 210 -3.69 -9.42 5.71
C VAL A 210 -2.66 -8.70 4.83
N ASN A 211 -1.65 -9.42 4.35
CA ASN A 211 -0.66 -8.79 3.45
C ASN A 211 -0.99 -8.95 1.99
N CYS A 212 -2.11 -9.59 1.70
CA CYS A 212 -2.48 -9.89 0.33
C CYS A 212 -2.72 -8.62 -0.49
N PRO A 213 -2.01 -8.45 -1.63
CA PRO A 213 -2.32 -7.24 -2.43
C PRO A 213 -3.40 -7.46 -3.48
N GLU A 214 -3.81 -8.72 -3.70
CA GLU A 214 -4.68 -9.03 -4.84
C GLU A 214 -5.68 -10.11 -4.49
N ILE A 215 -6.96 -9.87 -4.85
CA ILE A 215 -8.05 -10.79 -4.55
C ILE A 215 -8.74 -11.15 -5.85
N ALA A 216 -8.89 -12.45 -6.12
CA ALA A 216 -9.65 -12.91 -7.29
C ALA A 216 -11.02 -13.39 -6.83
N VAL A 217 -12.03 -13.22 -7.68
CA VAL A 217 -13.35 -13.77 -7.43
C VAL A 217 -13.81 -14.48 -8.72
N THR A 218 -14.25 -15.73 -8.58
CA THR A 218 -14.56 -16.58 -9.75
C THR A 218 -16.06 -16.67 -9.96
N PHE A 219 -16.51 -16.41 -11.18
CA PHE A 219 -17.93 -16.48 -11.58
C PHE A 219 -18.09 -17.48 -12.71
N ASN A 220 -19.29 -18.04 -12.87
CA ASN A 220 -19.49 -18.98 -13.98
C ASN A 220 -20.91 -18.81 -14.53
N TRP A 221 -21.22 -19.55 -15.58
CA TRP A 221 -22.48 -19.37 -16.29
C TRP A 221 -23.52 -20.36 -15.83
N SER A 222 -23.13 -21.28 -14.94
CA SER A 222 -24.03 -22.35 -14.52
C SER A 222 -24.73 -22.06 -13.19
N SER A 223 -24.33 -20.99 -12.52
CA SER A 223 -24.85 -20.74 -11.16
C SER A 223 -24.80 -19.25 -10.85
N PRO A 224 -25.68 -18.80 -9.95
CA PRO A 224 -25.78 -17.36 -9.68
C PRO A 224 -24.71 -16.86 -8.71
N GLY A 225 -24.04 -17.79 -8.02
CA GLY A 225 -23.16 -17.40 -6.93
C GLY A 225 -21.68 -17.37 -7.32
N ILE A 226 -20.87 -16.96 -6.35
CA ILE A 226 -19.41 -16.97 -6.52
C ILE A 226 -18.94 -18.41 -6.39
N GLU A 227 -18.16 -18.87 -7.36
CA GLU A 227 -17.68 -20.24 -7.34
C GLU A 227 -16.61 -20.46 -6.24
N ARG A 228 -15.66 -19.52 -6.13
CA ARG A 228 -14.56 -19.61 -5.20
C ARG A 228 -13.87 -18.24 -5.26
N MET A 229 -13.00 -17.96 -4.29
CA MET A 229 -12.22 -16.72 -4.36
C MET A 229 -10.81 -17.06 -3.90
N CYS A 230 -9.87 -16.16 -4.17
CA CYS A 230 -8.50 -16.50 -3.90
C CYS A 230 -7.77 -15.23 -3.47
N PHE A 231 -6.89 -15.37 -2.48
CA PHE A 231 -6.09 -14.26 -1.97
C PHE A 231 -4.62 -14.54 -2.32
N TYR A 232 -3.96 -13.60 -2.97
CA TYR A 232 -2.59 -13.82 -3.41
C TYR A 232 -1.62 -13.08 -2.54
N THR A 233 -0.55 -13.77 -2.12
CA THR A 233 0.53 -13.16 -1.32
C THR A 233 1.83 -13.57 -1.94
N ALA A 234 2.81 -12.66 -2.03
CA ALA A 234 4.10 -12.98 -2.61
C ALA A 234 5.14 -13.08 -1.51
N PHE A 235 6.19 -13.86 -1.77
CA PHE A 235 7.28 -14.06 -0.83
C PHE A 235 8.57 -13.93 -1.63
N VAL A 236 9.53 -13.15 -1.14
CA VAL A 236 10.63 -12.73 -2.00
C VAL A 236 11.73 -13.78 -2.16
N ASN A 237 11.69 -14.84 -1.35
CA ASN A 237 12.66 -15.95 -1.52
C ASN A 237 12.11 -17.25 -0.93
N ARG A 238 12.87 -18.34 -1.08
CA ARG A 238 12.43 -19.66 -0.58
C ARG A 238 12.11 -19.64 0.90
N GLU A 239 13.00 -19.05 1.70
CA GLU A 239 12.92 -19.16 3.15
C GLU A 239 11.72 -18.44 3.73
N THR A 240 11.25 -17.37 3.08
CA THR A 240 10.12 -16.61 3.61
C THR A 240 8.74 -17.13 3.20
N VAL A 241 8.69 -18.16 2.35
CA VAL A 241 7.42 -18.85 2.10
C VAL A 241 7.01 -19.51 3.43
N PRO A 242 5.71 -19.48 3.79
CA PRO A 242 5.30 -20.11 5.06
C PRO A 242 5.25 -21.64 4.95
N GLN A 243 6.44 -22.23 4.93
CA GLN A 243 6.62 -23.63 4.56
C GLN A 243 5.93 -24.52 5.59
N HIS A 244 5.84 -24.03 6.81
CA HIS A 244 5.20 -24.78 7.91
C HIS A 244 3.69 -24.98 7.75
N ILE A 245 3.04 -24.24 6.86
CA ILE A 245 1.57 -24.24 6.78
C ILE A 245 1.05 -25.50 6.11
N ASN A 246 1.78 -26.02 5.13
CA ASN A 246 1.29 -27.10 4.30
C ASN A 246 2.49 -27.78 3.64
N PRO A 247 2.46 -29.13 3.55
CA PRO A 247 3.64 -29.79 2.99
C PRO A 247 3.96 -29.43 1.54
N VAL A 248 2.95 -28.99 0.77
CA VAL A 248 3.24 -28.63 -0.63
C VAL A 248 4.03 -27.33 -0.70
N LEU A 249 3.70 -26.41 0.20
CA LEU A 249 4.45 -25.16 0.31
C LEU A 249 5.90 -25.44 0.68
N LYS A 250 6.11 -26.30 1.67
CA LYS A 250 7.48 -26.58 2.09
C LYS A 250 8.27 -27.19 0.93
N LYS A 251 7.73 -28.26 0.35
CA LYS A 251 8.46 -28.98 -0.68
C LYS A 251 8.72 -28.08 -1.90
N PHE A 252 7.70 -27.37 -2.39
CA PHE A 252 7.91 -26.55 -3.56
C PHE A 252 8.88 -25.38 -3.29
N ALA A 253 8.73 -24.71 -2.16
CA ALA A 253 9.65 -23.61 -1.84
C ALA A 253 11.09 -24.14 -1.87
N GLN A 254 11.32 -25.30 -1.24
CA GLN A 254 12.67 -25.81 -1.12
C GLN A 254 13.22 -26.33 -2.43
N GLU A 255 12.33 -26.88 -3.27
CA GLU A 255 12.76 -27.73 -4.40
C GLU A 255 12.38 -27.23 -5.79
N ALA A 256 11.50 -26.23 -5.89
CA ALA A 256 11.10 -25.74 -7.20
C ALA A 256 12.32 -25.27 -7.99
N PRO A 257 12.38 -25.62 -9.27
CA PRO A 257 13.50 -25.19 -10.10
C PRO A 257 13.33 -23.73 -10.50
N ALA A 258 14.44 -23.04 -10.70
CA ALA A 258 14.40 -21.68 -11.26
C ALA A 258 15.71 -21.46 -11.97
N LEU A 259 15.70 -20.62 -12.98
CA LEU A 259 16.95 -20.35 -13.71
C LEU A 259 17.76 -19.32 -12.94
N LEU A 260 17.03 -18.51 -12.22
CA LEU A 260 17.61 -17.52 -11.39
C LEU A 260 17.86 -18.21 -10.06
N ASP A 261 19.03 -17.95 -9.53
CA ASP A 261 19.48 -18.60 -8.31
C ASP A 261 18.60 -18.34 -7.10
N ASN A 262 18.02 -17.15 -7.03
CA ASN A 262 17.34 -16.75 -5.80
C ASN A 262 15.87 -16.35 -6.03
N PRO A 263 14.96 -17.30 -6.37
CA PRO A 263 13.64 -16.88 -6.85
C PRO A 263 12.69 -16.57 -5.67
N GLY A 264 11.69 -15.73 -5.94
CA GLY A 264 10.56 -15.55 -5.05
C GLY A 264 9.40 -16.43 -5.50
N PHE A 265 8.28 -16.30 -4.79
CA PHE A 265 7.11 -17.17 -5.04
C PHE A 265 5.84 -16.34 -4.92
N LEU A 266 4.78 -16.75 -5.62
CA LEU A 266 3.45 -16.18 -5.41
C LEU A 266 2.57 -17.31 -4.91
N VAL A 267 1.88 -17.11 -3.78
CA VAL A 267 0.99 -18.16 -3.26
C VAL A 267 -0.45 -17.68 -3.32
N GLY A 268 -1.33 -18.55 -3.82
CA GLY A 268 -2.75 -18.20 -3.87
C GLY A 268 -3.47 -19.08 -2.87
N TRP A 269 -4.19 -18.44 -1.95
CA TRP A 269 -4.98 -19.17 -0.97
C TRP A 269 -6.42 -19.16 -1.47
N SER A 270 -6.88 -20.30 -1.99
CA SER A 270 -8.23 -20.41 -2.59
C SER A 270 -9.20 -20.93 -1.53
N PHE A 271 -10.43 -20.43 -1.55
CA PHE A 271 -11.49 -20.88 -0.67
C PHE A 271 -12.77 -21.11 -1.46
N GLY A 272 -13.52 -22.14 -1.08
CA GLY A 272 -14.81 -22.39 -1.71
C GLY A 272 -15.76 -23.00 -0.71
N PRO A 273 -16.91 -23.51 -1.18
CA PRO A 273 -17.99 -23.96 -0.27
C PRO A 273 -17.53 -24.98 0.79
N LYS A 276 -18.24 -29.42 -1.65
CA LYS A 276 -17.28 -28.77 -0.73
C LYS A 276 -15.85 -28.69 -1.31
N LYS A 277 -15.70 -28.27 -2.56
CA LYS A 277 -14.37 -28.05 -3.08
C LYS A 277 -14.05 -26.53 -3.05
N GLY A 278 -12.99 -26.16 -3.73
CA GLY A 278 -12.66 -24.73 -3.89
C GLY A 278 -11.58 -24.26 -2.93
N THR A 279 -11.28 -25.07 -1.91
CA THR A 279 -10.32 -24.68 -0.86
C THR A 279 -8.98 -25.40 -1.00
N TYR A 280 -7.92 -24.71 -1.38
CA TYR A 280 -6.65 -25.35 -1.67
C TYR A 280 -5.61 -24.27 -1.82
N ILE A 281 -4.36 -24.68 -2.04
CA ILE A 281 -3.28 -23.70 -2.14
C ILE A 281 -2.64 -23.84 -3.52
N LYS A 282 -2.26 -22.71 -4.11
CA LYS A 282 -1.53 -22.63 -5.39
C LYS A 282 -0.18 -22.01 -5.07
N ILE A 283 0.90 -22.48 -5.67
CA ILE A 283 2.18 -21.76 -5.45
C ILE A 283 2.97 -21.76 -6.75
N ASP A 284 3.45 -20.59 -7.14
CA ASP A 284 4.18 -20.40 -8.42
C ASP A 284 5.60 -20.00 -8.04
N VAL A 285 6.60 -20.59 -8.70
CA VAL A 285 7.98 -20.11 -8.56
C VAL A 285 8.28 -19.06 -9.64
N ASP A 286 8.86 -17.94 -9.22
CA ASP A 286 9.23 -16.88 -10.15
C ASP A 286 10.52 -17.28 -10.87
N TYR A 287 10.34 -18.03 -11.96
CA TYR A 287 11.43 -18.81 -12.57
C TYR A 287 12.60 -17.94 -13.04
N HIS A 288 12.28 -16.76 -13.61
CA HIS A 288 13.32 -15.82 -14.09
C HIS A 288 13.46 -14.60 -13.15
N GLY A 289 12.68 -14.56 -12.07
CA GLY A 289 12.79 -13.43 -11.13
C GLY A 289 12.06 -12.17 -11.59
N LEU A 290 11.26 -12.27 -12.64
CA LEU A 290 10.54 -11.07 -13.15
C LEU A 290 9.15 -10.89 -12.56
N VAL A 291 8.51 -11.99 -12.15
CA VAL A 291 7.09 -11.92 -11.78
C VAL A 291 6.85 -11.19 -10.47
N VAL A 292 7.65 -11.51 -9.45
CA VAL A 292 7.36 -10.95 -8.12
C VAL A 292 7.57 -9.42 -8.08
N PRO A 293 8.67 -8.90 -8.68
CA PRO A 293 8.76 -7.43 -8.72
C PRO A 293 7.58 -6.81 -9.48
N SER A 294 7.17 -7.46 -10.57
CA SER A 294 6.08 -6.91 -11.38
C SER A 294 4.76 -6.93 -10.59
N PHE A 295 4.58 -7.96 -9.77
CA PHE A 295 3.39 -8.09 -8.90
C PHE A 295 3.29 -6.95 -7.87
N PHE A 296 4.41 -6.64 -7.22
CA PHE A 296 4.41 -5.51 -6.33
C PHE A 296 4.16 -4.20 -7.07
N HIS A 297 4.84 -4.01 -8.19
CA HIS A 297 4.68 -2.79 -8.97
C HIS A 297 3.23 -2.56 -9.44
N MET A 298 2.58 -3.60 -9.93
CA MET A 298 1.23 -3.50 -10.45
C MET A 298 0.23 -3.13 -9.34
N HIS A 299 0.63 -3.40 -8.09
CA HIS A 299 -0.18 -3.01 -6.91
C HIS A 299 0.32 -1.76 -6.19
N ASN A 300 1.22 -1.03 -6.85
CA ASN A 300 1.74 0.22 -6.27
C ASN A 300 2.37 0.02 -4.90
N LEU A 301 3.08 -1.09 -4.73
CA LEU A 301 3.71 -1.38 -3.45
C LEU A 301 5.21 -1.38 -3.64
N PRO A 302 5.95 -0.79 -2.69
CA PRO A 302 7.41 -0.94 -2.67
C PRO A 302 7.78 -2.41 -2.61
N LEU A 303 8.92 -2.77 -3.18
CA LEU A 303 9.42 -4.14 -3.11
C LEU A 303 9.99 -4.44 -1.71
N PRO A 304 9.50 -5.53 -1.05
CA PRO A 304 9.98 -5.87 0.30
C PRO A 304 11.48 -6.26 0.39
N ALA B 3 17.76 12.46 35.53
CA ALA B 3 18.10 11.44 34.54
C ALA B 3 19.57 11.16 34.61
N GLY B 4 19.97 10.01 34.12
CA GLY B 4 21.39 9.64 34.18
C GLY B 4 22.24 10.40 33.20
N ALA B 5 23.55 10.21 33.30
CA ALA B 5 24.49 11.01 32.53
C ALA B 5 24.32 10.70 31.04
N GLY B 6 24.06 9.44 30.69
CA GLY B 6 23.91 9.08 29.29
C GLY B 6 22.70 9.76 28.69
N ALA B 7 21.56 9.66 29.37
CA ALA B 7 20.36 10.34 28.92
C ALA B 7 20.59 11.84 28.80
N MET B 8 21.24 12.47 29.79
CA MET B 8 21.41 13.92 29.75
C MET B 8 22.33 14.29 28.61
N THR B 9 23.33 13.44 28.35
CA THR B 9 24.21 13.67 27.20
C THR B 9 23.42 13.72 25.89
N ILE B 10 22.49 12.79 25.73
CA ILE B 10 21.63 12.83 24.55
C ILE B 10 20.71 14.05 24.57
N VAL B 11 20.10 14.36 25.71
CA VAL B 11 19.24 15.56 25.76
C VAL B 11 20.03 16.80 25.33
N ASN B 12 21.25 16.94 25.83
CA ASN B 12 22.04 18.14 25.55
C ASN B 12 22.44 18.16 24.09
N ARG B 13 22.68 16.99 23.51
CA ARG B 13 23.05 16.89 22.11
C ARG B 13 21.86 17.31 21.23
N ILE B 14 20.67 16.89 21.64
CA ILE B 14 19.47 17.30 20.91
C ILE B 14 19.28 18.81 21.01
N ARG B 15 19.42 19.36 22.20
CA ARG B 15 19.16 20.79 22.40
C ARG B 15 20.15 21.59 21.55
N THR B 16 21.42 21.19 21.59
CA THR B 16 22.44 21.85 20.76
C THR B 16 22.15 21.74 19.26
N ASP B 17 21.80 20.54 18.78
CA ASP B 17 21.48 20.37 17.37
C ASP B 17 20.30 21.23 16.96
N VAL B 18 19.29 21.30 17.82
CA VAL B 18 18.11 22.11 17.53
C VAL B 18 18.44 23.59 17.38
N VAL B 19 19.16 24.15 18.34
CA VAL B 19 19.55 25.55 18.26
C VAL B 19 20.42 25.77 17.01
N ASN B 20 21.29 24.81 16.71
CA ASN B 20 22.15 25.00 15.53
C ASN B 20 21.32 25.05 14.25
N VAL B 21 20.30 24.20 14.17
CA VAL B 21 19.42 24.26 12.97
C VAL B 21 18.79 25.66 12.85
N ALA B 22 18.23 26.17 13.97
CA ALA B 22 17.59 27.49 13.94
C ALA B 22 18.60 28.56 13.47
N LYS B 23 19.79 28.54 14.01
CA LYS B 23 20.77 29.56 13.69
C LYS B 23 21.12 29.46 12.21
N SER B 24 21.22 28.22 11.73
CA SER B 24 21.66 27.98 10.35
C SER B 24 20.67 28.56 9.36
N PHE B 25 19.37 28.43 9.69
CA PHE B 25 18.31 28.89 8.79
C PHE B 25 17.84 30.31 9.10
N GLY B 26 18.42 30.92 10.12
CA GLY B 26 17.97 32.25 10.53
C GLY B 26 16.63 32.23 11.24
N ALA B 27 16.23 31.09 11.79
CA ALA B 27 14.91 31.02 12.50
C ALA B 27 15.02 31.64 13.88
N GLU B 28 13.90 32.17 14.35
CA GLU B 28 13.79 32.71 15.72
C GLU B 28 13.72 31.55 16.73
N TYR B 29 14.24 31.78 17.92
CA TYR B 29 14.03 30.81 18.99
C TYR B 29 14.15 31.53 20.34
N SER B 30 13.62 30.92 21.39
CA SER B 30 13.62 31.54 22.69
C SER B 30 14.21 30.57 23.69
N GLU B 31 15.28 31.02 24.35
CA GLU B 31 15.95 30.17 25.35
C GLU B 31 15.01 29.81 26.51
N ALA B 32 14.13 30.74 26.89
CA ALA B 32 13.18 30.43 27.97
C ALA B 32 12.19 29.38 27.50
N VAL B 33 11.71 29.51 26.25
CA VAL B 33 10.74 28.55 25.75
C VAL B 33 11.41 27.17 25.61
N ILE B 34 12.63 27.14 25.09
CA ILE B 34 13.34 25.88 24.95
C ILE B 34 13.55 25.21 26.32
N ASP B 35 13.92 25.99 27.34
CA ASP B 35 14.11 25.44 28.68
C ASP B 35 12.83 24.75 29.14
N GLN B 36 11.68 25.40 28.92
CA GLN B 36 10.41 24.87 29.39
C GLN B 36 10.10 23.58 28.65
N ILE B 37 10.31 23.57 27.33
CA ILE B 37 10.01 22.37 26.53
C ILE B 37 10.89 21.22 27.02
N PHE B 38 12.20 21.47 27.13
CA PHE B 38 13.11 20.39 27.50
C PHE B 38 12.90 19.92 28.95
N GLN B 39 12.54 20.83 29.85
CA GLN B 39 12.22 20.41 31.22
C GLN B 39 11.12 19.35 31.21
N GLY B 40 10.06 19.57 30.43
CA GLY B 40 8.92 18.65 30.40
C GLY B 40 9.19 17.44 29.51
N PHE B 41 9.85 17.66 28.39
CA PHE B 41 9.84 16.67 27.30
C PHE B 41 11.20 16.13 26.90
N GLY B 42 12.26 16.69 27.48
CA GLY B 42 13.58 16.36 26.98
C GLY B 42 13.80 14.86 27.03
N GLU B 43 13.39 14.21 28.11
CA GLU B 43 13.64 12.77 28.25
C GLU B 43 12.90 11.99 27.17
N LYS B 44 11.67 12.40 26.87
CA LYS B 44 10.94 11.74 25.78
C LYS B 44 11.66 11.93 24.45
N PHE B 45 12.24 13.11 24.21
CA PHE B 45 12.93 13.33 22.94
C PHE B 45 14.06 12.30 22.74
N THR B 46 14.65 11.78 23.82
CA THR B 46 15.83 10.91 23.65
C THR B 46 15.48 9.53 23.08
N ASN B 47 14.27 9.05 23.28
CA ASN B 47 14.01 7.66 22.93
C ASN B 47 12.60 7.39 22.43
N THR B 48 11.99 8.39 21.81
CA THR B 48 10.74 8.17 21.08
C THR B 48 10.95 8.61 19.63
N GLY B 49 9.87 8.70 18.86
CA GLY B 49 10.00 9.09 17.45
C GLY B 49 10.12 10.61 17.35
N PHE B 50 11.33 11.09 17.46
CA PHE B 50 11.61 12.53 17.54
C PHE B 50 12.05 13.04 16.17
N ALA B 51 11.63 14.26 15.84
CA ALA B 51 12.07 14.85 14.58
C ALA B 51 12.28 16.36 14.76
N ILE B 52 13.15 16.94 13.92
CA ILE B 52 13.30 18.40 13.87
C ILE B 52 12.79 18.81 12.48
N ARG B 53 11.97 19.86 12.44
CA ARG B 53 11.34 20.31 11.19
C ARG B 53 11.81 21.73 10.88
N VAL B 54 12.06 22.04 9.61
CA VAL B 54 12.02 23.43 9.14
C VAL B 54 10.94 23.59 8.08
N GLN B 55 10.37 24.79 8.01
CA GLN B 55 9.35 25.05 6.99
C GLN B 55 9.51 26.49 6.56
N ASN B 56 9.10 26.79 5.32
CA ASN B 56 9.44 28.07 4.71
C ASN B 56 8.20 28.81 4.21
N LYS B 57 7.38 29.31 5.13
CA LYS B 57 6.23 30.10 4.71
C LYS B 57 6.65 31.40 4.00
N ARG B 58 5.88 31.79 2.99
CA ARG B 58 6.22 32.92 2.12
C ARG B 58 6.48 34.20 2.89
N ASN B 59 7.58 34.87 2.55
CA ASN B 59 7.86 36.21 3.08
C ASN B 59 7.97 36.25 4.59
N GLN B 60 8.21 35.10 5.20
CA GLN B 60 8.58 35.14 6.61
C GLN B 60 9.87 34.37 6.90
N LYS B 61 10.31 34.46 8.14
CA LYS B 61 11.47 33.68 8.51
C LYS B 61 11.11 32.18 8.45
N VAL B 62 12.11 31.34 8.18
CA VAL B 62 11.96 29.91 8.39
C VAL B 62 11.56 29.67 9.86
N ASP B 63 10.65 28.73 10.09
CA ASP B 63 10.31 28.29 11.46
C ASP B 63 11.05 27.00 11.74
N CYS B 64 11.46 26.83 12.99
CA CYS B 64 12.05 25.59 13.45
C CYS B 64 11.13 24.93 14.49
N ASN B 65 10.67 23.71 14.21
CA ASN B 65 9.80 23.00 15.15
C ASN B 65 10.48 21.71 15.57
N ILE B 66 10.16 21.25 16.77
CA ILE B 66 10.62 19.93 17.20
C ILE B 66 9.39 19.15 17.67
N ARG B 67 9.39 17.85 17.43
CA ARG B 67 8.15 17.10 17.66
C ARG B 67 8.50 15.65 17.97
N TYR B 68 7.60 14.94 18.66
CA TYR B 68 7.80 13.51 18.84
C TYR B 68 6.47 12.81 18.89
N GLY B 69 6.49 11.50 18.68
CA GLY B 69 5.30 10.68 18.92
C GLY B 69 5.75 9.42 19.63
N GLU B 70 4.83 8.77 20.36
CA GLU B 70 5.10 7.41 20.85
C GLU B 70 3.79 6.63 20.94
N ALA B 71 3.92 5.32 20.94
CA ALA B 71 2.77 4.42 20.92
C ALA B 71 2.24 4.20 22.35
N LYS B 72 1.55 5.21 22.87
CA LYS B 72 0.82 5.09 24.13
C LYS B 72 -0.64 5.40 23.83
N GLU B 73 -1.55 4.78 24.59
CA GLU B 73 -2.98 4.92 24.34
C GLU B 73 -3.55 6.19 24.98
N ASN B 74 -2.80 6.78 25.90
CA ASN B 74 -3.27 7.96 26.62
C ASN B 74 -2.44 9.15 26.17
N CYS B 75 -3.05 10.34 26.24
CA CYS B 75 -2.39 11.55 25.76
C CYS B 75 -1.39 12.15 26.78
N LEU B 76 -0.21 11.55 26.86
CA LEU B 76 0.70 11.86 27.97
C LEU B 76 1.21 13.30 27.85
N ALA B 77 1.20 13.86 26.65
CA ALA B 77 1.73 15.23 26.47
C ALA B 77 0.85 16.27 27.14
N TRP B 78 -0.46 15.99 27.24
CA TRP B 78 -1.37 16.97 27.80
C TRP B 78 -0.99 17.35 29.25
N ASP B 79 -0.88 16.37 30.16
CA ASP B 79 -0.52 16.71 31.55
C ASP B 79 0.85 17.33 31.61
N ILE B 80 1.78 16.80 30.82
CA ILE B 80 3.13 17.29 30.89
C ILE B 80 3.17 18.77 30.47
N ALA B 81 2.47 19.10 29.37
CA ALA B 81 2.50 20.47 28.84
C ALA B 81 1.86 21.43 29.82
N ARG B 82 0.77 20.99 30.46
CA ARG B 82 0.07 21.84 31.44
C ARG B 82 1.02 22.15 32.61
N GLU B 83 1.67 21.12 33.14
CA GLU B 83 2.53 21.28 34.30
C GLU B 83 3.77 22.11 33.97
N SER B 84 4.22 22.05 32.72
CA SER B 84 5.41 22.77 32.30
C SER B 84 5.13 24.22 32.01
N GLY B 85 3.87 24.63 32.16
CA GLY B 85 3.43 25.97 31.77
C GLY B 85 3.28 26.16 30.27
N LEU B 86 3.23 25.06 29.52
CA LEU B 86 3.26 25.15 28.04
C LEU B 86 1.90 25.21 27.35
N LEU B 87 0.85 24.94 28.12
CA LEU B 87 -0.49 24.87 27.59
C LEU B 87 -1.43 25.39 28.65
N SER B 88 -2.01 26.55 28.39
CA SER B 88 -3.14 26.96 29.21
C SER B 88 -4.39 27.23 28.37
N ASP B 89 -5.52 27.32 29.04
CA ASP B 89 -6.77 27.56 28.33
C ASP B 89 -6.82 28.97 27.78
N GLN B 90 -7.47 29.11 26.64
CA GLN B 90 -7.57 30.39 25.95
C GLN B 90 -9.06 30.81 25.85
N GLY B 91 -9.97 29.96 26.32
CA GLY B 91 -11.41 30.22 26.11
C GLY B 91 -11.80 30.05 24.64
N HIS B 92 -11.48 28.87 24.11
CA HIS B 92 -11.64 28.58 22.70
C HIS B 92 -11.88 27.08 22.56
N PRO B 93 -12.64 26.66 21.53
CA PRO B 93 -12.87 25.23 21.33
C PRO B 93 -11.63 24.35 21.35
N VAL B 94 -10.44 24.86 21.01
CA VAL B 94 -9.26 23.99 21.07
C VAL B 94 -8.99 23.53 22.50
N ASP B 95 -9.46 24.28 23.50
CA ASP B 95 -9.15 23.96 24.92
C ASP B 95 -9.57 22.51 25.26
N THR B 96 -10.66 22.05 24.68
CA THR B 96 -11.18 20.75 25.07
C THR B 96 -11.09 19.70 23.96
N LEU B 97 -10.60 20.10 22.79
CA LEU B 97 -10.75 19.22 21.61
C LEU B 97 -9.93 17.92 21.71
N ILE B 98 -8.68 18.00 22.16
CA ILE B 98 -7.86 16.78 22.24
C ILE B 98 -8.45 15.76 23.23
N GLN B 99 -8.99 16.23 24.34
CA GLN B 99 -9.64 15.36 25.31
C GLN B 99 -10.83 14.66 24.64
N GLU B 100 -11.62 15.41 23.85
CA GLU B 100 -12.79 14.82 23.17
C GLU B 100 -12.35 13.77 22.17
N MET B 101 -11.24 14.05 21.49
CA MET B 101 -10.69 13.10 20.54
C MET B 101 -10.35 11.76 21.20
N PHE B 102 -9.63 11.80 22.32
CA PHE B 102 -9.24 10.58 23.02
C PHE B 102 -10.48 9.88 23.60
N GLN B 103 -11.47 10.65 24.00
CA GLN B 103 -12.72 10.05 24.46
C GLN B 103 -13.49 9.36 23.35
N ALA B 104 -13.51 9.96 22.16
CA ALA B 104 -14.37 9.47 21.04
C ALA B 104 -13.76 8.25 20.36
N ILE B 105 -12.43 8.28 20.15
CA ILE B 105 -11.79 7.23 19.36
C ILE B 105 -10.58 6.70 20.09
N PRO B 106 -10.46 5.36 20.25
CA PRO B 106 -9.27 4.87 20.95
C PRO B 106 -7.98 5.20 20.20
N ALA B 107 -6.93 5.54 20.94
CA ALA B 107 -5.65 5.90 20.29
C ALA B 107 -4.68 4.72 20.40
N ILE B 108 -3.84 4.56 19.39
CA ILE B 108 -2.70 3.64 19.49
C ILE B 108 -1.42 4.44 19.71
N ALA B 109 -1.47 5.76 19.47
CA ALA B 109 -0.29 6.61 19.72
C ALA B 109 -0.74 8.06 19.91
N TYR B 110 0.19 8.90 20.37
CA TYR B 110 -0.05 10.34 20.44
C TYR B 110 1.26 11.04 20.11
N GLY B 111 1.21 12.35 19.96
CA GLY B 111 2.48 13.08 19.84
C GLY B 111 2.26 14.55 20.13
N ALA B 112 3.35 15.31 20.11
CA ALA B 112 3.26 16.74 20.37
C ALA B 112 4.29 17.47 19.54
N ASP B 113 3.98 18.72 19.22
CA ASP B 113 4.78 19.53 18.29
C ASP B 113 5.04 20.87 18.99
N PHE B 114 6.28 21.39 18.87
CA PHE B 114 6.69 22.64 19.53
C PHE B 114 7.41 23.52 18.52
N ASP B 115 7.08 24.81 18.51
CA ASP B 115 7.87 25.80 17.79
C ASP B 115 8.78 26.42 18.82
N ILE B 116 10.09 26.38 18.56
CA ILE B 116 11.04 26.75 19.63
C ILE B 116 11.09 28.26 19.89
N ASN B 117 10.29 29.03 19.16
CA ASN B 117 10.11 30.45 19.48
C ASN B 117 8.78 30.71 20.18
N TYR B 118 8.03 29.66 20.49
CA TYR B 118 6.65 29.84 20.93
C TYR B 118 6.29 28.94 22.11
N GLY B 119 6.45 27.63 21.94
CA GLY B 119 5.96 26.70 22.96
C GLY B 119 5.32 25.49 22.29
N LEU B 120 4.38 24.86 23.00
CA LEU B 120 3.62 23.77 22.37
C LEU B 120 2.65 24.35 21.35
N VAL B 121 2.68 23.79 20.14
CA VAL B 121 1.76 24.20 19.07
C VAL B 121 0.64 23.18 18.87
N LYS B 122 0.97 21.88 18.81
CA LYS B 122 -0.07 20.87 18.54
C LYS B 122 0.09 19.67 19.46
N ILE B 123 -1.01 18.93 19.59
CA ILE B 123 -0.98 17.54 20.09
C ILE B 123 -1.66 16.66 19.03
N TRP B 124 -1.08 15.48 18.79
CA TRP B 124 -1.64 14.53 17.81
C TRP B 124 -2.36 13.40 18.53
N HIS B 125 -3.39 12.88 17.88
CA HIS B 125 -4.05 11.63 18.30
C HIS B 125 -3.91 10.70 17.09
N LEU B 126 -3.44 9.46 17.30
CA LEU B 126 -3.39 8.49 16.20
C LEU B 126 -4.22 7.29 16.59
N PRO B 127 -5.36 7.08 15.93
CA PRO B 127 -6.09 5.82 16.13
C PRO B 127 -5.45 4.72 15.27
N LYS B 128 -5.97 3.51 15.39
CA LYS B 128 -5.89 2.58 14.26
C LYS B 128 -6.67 3.23 13.11
N ILE B 129 -6.41 2.83 11.88
CA ILE B 129 -7.14 3.47 10.77
C ILE B 129 -8.62 3.15 10.89
N VAL B 130 -9.43 4.19 10.88
CA VAL B 130 -10.88 4.04 11.05
C VAL B 130 -11.64 4.78 9.97
N PRO B 131 -12.93 4.46 9.82
CA PRO B 131 -13.71 5.27 8.85
C PRO B 131 -13.79 6.72 9.31
N VAL B 132 -13.74 7.66 8.39
CA VAL B 132 -13.74 9.08 8.73
C VAL B 132 -14.97 9.48 9.55
N GLU B 133 -16.10 8.81 9.32
CA GLU B 133 -17.34 9.08 10.06
C GLU B 133 -17.15 9.03 11.57
N GLU B 134 -16.16 8.26 12.02
CA GLU B 134 -15.94 8.15 13.48
C GLU B 134 -15.60 9.50 14.08
N ALA B 135 -14.92 10.37 13.31
CA ALA B 135 -14.54 11.70 13.79
C ALA B 135 -15.74 12.61 14.01
N PHE B 136 -16.85 12.33 13.32
CA PHE B 136 -17.96 13.28 13.34
C PHE B 136 -18.64 13.30 14.72
N LYS B 137 -18.38 12.26 15.52
CA LYS B 137 -18.72 12.13 16.96
C LYS B 137 -18.23 13.30 17.83
N ILE B 138 -17.08 13.86 17.46
CA ILE B 138 -16.35 14.77 18.35
C ILE B 138 -17.07 16.12 18.42
N PRO B 139 -17.59 16.52 19.62
CA PRO B 139 -18.54 17.63 19.67
C PRO B 139 -17.95 18.99 19.25
N SER B 140 -16.68 19.24 19.59
CA SER B 140 -16.11 20.56 19.38
C SER B 140 -15.39 20.72 18.04
N LEU B 141 -15.44 19.73 17.17
CA LEU B 141 -14.85 19.92 15.83
C LEU B 141 -15.56 21.11 15.16
N PRO B 142 -14.81 21.88 14.36
CA PRO B 142 -15.40 22.91 13.54
C PRO B 142 -16.58 22.34 12.75
N LYS B 143 -17.63 23.15 12.62
CA LYS B 143 -18.77 22.83 11.74
C LYS B 143 -18.31 22.39 10.34
N SER B 144 -17.25 23.03 9.85
CA SER B 144 -16.75 22.79 8.49
C SER B 144 -16.36 21.33 8.21
N VAL B 145 -16.01 20.55 9.24
CA VAL B 145 -15.63 19.16 8.98
C VAL B 145 -16.83 18.36 8.44
N ASN B 146 -17.94 18.41 9.14
CA ASN B 146 -19.16 17.76 8.62
C ASN B 146 -19.62 18.32 7.29
N ALA B 147 -19.34 19.60 7.06
CA ALA B 147 -19.77 20.26 5.84
C ALA B 147 -18.93 19.79 4.66
N HIS B 148 -17.94 18.93 4.94
CA HIS B 148 -17.09 18.39 3.88
C HIS B 148 -17.21 16.89 3.68
N ILE B 149 -18.29 16.29 4.19
CA ILE B 149 -18.49 14.84 4.02
C ILE B 149 -18.48 14.47 2.53
N ASP B 150 -19.11 15.27 1.65
CA ASP B 150 -19.14 14.88 0.23
C ASP B 150 -17.77 15.01 -0.43
N PHE B 151 -17.08 16.09 -0.09
CA PHE B 151 -15.70 16.31 -0.52
C PHE B 151 -14.83 15.10 -0.11
N PHE B 152 -14.93 14.63 1.14
CA PHE B 152 -14.09 13.49 1.57
C PHE B 152 -14.38 12.28 0.71
N LYS B 153 -15.66 11.96 0.51
CA LYS B 153 -16.02 10.77 -0.28
C LYS B 153 -15.48 10.86 -1.70
N LYS B 154 -15.61 12.05 -2.29
CA LYS B 154 -15.22 12.25 -3.68
C LYS B 154 -13.70 11.97 -3.87
N TYR B 155 -12.90 12.34 -2.88
CA TYR B 155 -11.45 12.26 -2.99
C TYR B 155 -10.88 11.04 -2.25
N HIS B 156 -11.76 10.08 -1.91
CA HIS B 156 -11.31 8.81 -1.31
C HIS B 156 -10.60 9.10 0.01
N LEU B 157 -11.12 10.09 0.72
CA LEU B 157 -10.65 10.40 2.06
C LEU B 157 -11.57 9.71 3.05
N ASP B 158 -11.55 8.38 3.00
CA ASP B 158 -12.47 7.57 3.80
C ASP B 158 -11.79 6.94 5.01
N ALA B 159 -10.45 6.98 5.02
CA ALA B 159 -9.69 6.24 6.02
C ALA B 159 -8.84 7.19 6.87
N LEU B 160 -9.37 7.52 8.04
CA LEU B 160 -8.73 8.49 8.95
C LEU B 160 -7.58 7.80 9.68
N CYS B 161 -6.40 8.40 9.69
CA CYS B 161 -5.22 7.77 10.30
C CYS B 161 -4.61 8.62 11.41
N ALA B 162 -5.06 9.87 11.60
CA ALA B 162 -4.60 10.73 12.67
C ALA B 162 -5.47 11.99 12.73
N LEU B 163 -5.38 12.66 13.87
CA LEU B 163 -6.04 13.95 14.09
C LEU B 163 -5.01 14.84 14.79
N THR B 164 -5.18 16.15 14.68
CA THR B 164 -4.36 17.05 15.48
C THR B 164 -5.15 18.30 15.88
N VAL B 165 -4.76 18.88 17.02
CA VAL B 165 -5.28 20.18 17.46
C VAL B 165 -4.13 21.17 17.44
N ASP B 166 -4.34 22.32 16.82
CA ASP B 166 -3.30 23.37 16.76
C ASP B 166 -3.76 24.50 17.63
N TYR B 167 -3.16 24.58 18.82
CA TYR B 167 -3.54 25.56 19.86
C TYR B 167 -3.13 26.95 19.50
N ARG B 168 -2.12 27.10 18.64
CA ARG B 168 -1.64 28.45 18.27
C ARG B 168 -2.51 29.02 17.13
N ASN B 169 -2.71 28.21 16.08
CA ASN B 169 -3.44 28.60 14.86
C ASN B 169 -4.95 28.51 15.05
N LYS B 170 -5.39 27.84 16.11
CA LYS B 170 -6.81 27.56 16.33
C LYS B 170 -7.38 26.82 15.14
N SER B 171 -6.83 25.64 14.88
CA SER B 171 -7.31 24.83 13.76
C SER B 171 -7.12 23.37 14.10
N THR B 172 -7.72 22.50 13.29
CA THR B 172 -7.57 21.07 13.53
C THR B 172 -7.29 20.43 12.17
N ASN B 173 -6.48 19.37 12.13
CA ASN B 173 -6.27 18.66 10.83
C ASN B 173 -6.85 17.28 10.96
N LEU B 174 -7.45 16.78 9.89
CA LEU B 174 -7.75 15.36 9.78
C LEU B 174 -6.72 14.80 8.80
N TYR B 175 -6.17 13.62 9.11
CA TYR B 175 -5.15 12.99 8.25
C TYR B 175 -5.75 11.68 7.70
N PHE B 176 -5.47 11.41 6.43
CA PHE B 176 -6.04 10.24 5.76
C PHE B 176 -4.93 9.37 5.21
N ASP B 177 -5.20 8.08 5.24
CA ASP B 177 -4.34 7.10 4.59
C ASP B 177 -4.69 7.12 3.10
N ALA B 178 -3.71 7.50 2.29
CA ALA B 178 -3.98 7.73 0.85
C ALA B 178 -3.80 6.41 0.07
N HIS B 179 -4.70 5.47 0.35
CA HIS B 179 -4.58 4.06 -0.10
C HIS B 179 -5.12 3.84 -1.52
N HIS B 180 -5.88 4.79 -2.05
CA HIS B 180 -6.70 4.52 -3.24
C HIS B 180 -5.88 4.62 -4.53
N PRO B 181 -6.07 3.67 -5.47
CA PRO B 181 -5.29 3.72 -6.69
C PRO B 181 -5.44 5.08 -7.41
N GLU B 182 -6.56 5.79 -7.28
CA GLU B 182 -6.66 7.09 -7.96
C GLU B 182 -5.62 8.07 -7.36
N GLN B 183 -5.24 7.84 -6.09
CA GLN B 183 -4.24 8.69 -5.39
C GLN B 183 -2.81 8.42 -5.87
N ARG B 184 -2.69 7.51 -6.85
CA ARG B 184 -1.39 7.25 -7.47
C ARG B 184 -1.26 8.02 -8.79
N THR B 185 -2.25 8.84 -9.12
CA THR B 185 -2.30 9.56 -10.41
C THR B 185 -2.10 11.07 -10.18
N THR B 186 -1.43 11.76 -11.10
CA THR B 186 -1.24 13.19 -10.94
C THR B 186 -2.56 13.95 -11.01
N GLN B 187 -3.52 13.45 -11.78
CA GLN B 187 -4.77 14.20 -11.97
C GLN B 187 -5.52 14.30 -10.65
N PHE B 188 -5.42 13.27 -9.81
CA PHE B 188 -6.06 13.35 -8.49
C PHE B 188 -5.65 14.65 -7.77
N TYR B 189 -4.35 14.91 -7.73
CA TYR B 189 -3.82 16.06 -6.99
C TYR B 189 -4.23 17.36 -7.67
N LYS B 190 -4.21 17.39 -9.00
CA LYS B 190 -4.73 18.56 -9.70
C LYS B 190 -6.17 18.80 -9.28
N ASN B 191 -7.02 17.77 -9.40
CA ASN B 191 -8.43 17.93 -9.09
C ASN B 191 -8.66 18.39 -7.65
N ILE B 192 -8.03 17.73 -6.69
CA ILE B 192 -8.33 18.09 -5.30
C ILE B 192 -7.94 19.54 -4.99
N LEU B 193 -6.83 20.00 -5.58
CA LEU B 193 -6.40 21.38 -5.39
C LEU B 193 -7.34 22.33 -6.12
N GLN B 194 -7.71 21.98 -7.37
CA GLN B 194 -8.68 22.81 -8.10
C GLN B 194 -10.02 22.90 -7.37
N SER B 195 -10.44 21.82 -6.70
CA SER B 195 -11.74 21.86 -6.02
C SER B 195 -11.77 22.98 -4.97
N GLN B 196 -10.59 23.36 -4.48
CA GLN B 196 -10.47 24.39 -3.45
C GLN B 196 -9.99 25.72 -4.00
N GLN B 197 -9.76 25.77 -5.31
CA GLN B 197 -9.08 26.91 -5.96
C GLN B 197 -7.71 27.19 -5.32
N PHE B 198 -7.00 26.13 -4.94
CA PHE B 198 -5.61 26.24 -4.45
C PHE B 198 -4.64 26.16 -5.62
N GLU B 199 -3.47 26.78 -5.50
CA GLU B 199 -2.55 26.75 -6.62
C GLU B 199 -2.01 25.35 -6.84
N VAL B 200 -1.88 25.01 -8.11
CA VAL B 200 -1.51 23.66 -8.51
C VAL B 200 -0.04 23.73 -8.89
N PRO B 201 0.79 22.81 -8.35
CA PRO B 201 2.24 22.93 -8.48
C PRO B 201 2.68 22.40 -9.84
N SER B 202 3.97 22.48 -10.12
CA SER B 202 4.54 22.06 -11.39
C SER B 202 4.28 20.57 -11.62
N ASP B 203 4.48 20.12 -12.86
CA ASP B 203 4.34 18.70 -13.16
C ASP B 203 5.33 17.88 -12.35
N GLU B 204 6.53 18.42 -12.20
CA GLU B 204 7.60 17.71 -11.51
C GLU B 204 7.20 17.46 -10.03
N VAL B 205 6.53 18.44 -9.42
CA VAL B 205 6.03 18.26 -8.05
C VAL B 205 4.85 17.26 -8.04
N LEU B 206 3.96 17.37 -9.03
CA LEU B 206 2.83 16.41 -9.09
C LEU B 206 3.35 14.96 -9.20
N GLU B 207 4.46 14.75 -9.91
CA GLU B 207 4.99 13.39 -10.04
C GLU B 207 5.56 12.89 -8.72
N ILE B 208 5.98 13.82 -7.86
CA ILE B 208 6.40 13.44 -6.50
C ILE B 208 5.21 13.03 -5.62
N LEU B 209 4.09 13.74 -5.81
CA LEU B 209 2.93 13.57 -4.96
C LEU B 209 2.27 12.22 -5.15
N VAL B 210 2.43 11.60 -6.32
CA VAL B 210 1.77 10.32 -6.52
C VAL B 210 2.18 9.24 -5.52
N ASN B 211 3.34 9.39 -4.88
CA ASN B 211 3.77 8.44 -3.87
C ASN B 211 3.30 8.74 -2.47
N CYS B 212 2.57 9.84 -2.32
CA CYS B 212 2.09 10.30 -1.01
C CYS B 212 1.23 9.23 -0.31
N PRO B 213 1.58 8.82 0.94
CA PRO B 213 0.70 7.85 1.62
C PRO B 213 -0.27 8.56 2.57
N GLU B 214 -0.09 9.86 2.78
CA GLU B 214 -0.89 10.52 3.82
C GLU B 214 -1.26 11.93 3.38
N ILE B 215 -2.54 12.26 3.54
CA ILE B 215 -3.07 13.58 3.16
C ILE B 215 -3.70 14.23 4.36
N ALA B 216 -3.31 15.48 4.64
CA ALA B 216 -3.93 16.27 5.74
C ALA B 216 -4.86 17.31 5.16
N VAL B 217 -5.95 17.57 5.89
CA VAL B 217 -6.85 18.66 5.48
C VAL B 217 -7.11 19.49 6.75
N THR B 218 -6.92 20.81 6.65
CA THR B 218 -7.00 21.71 7.79
C THR B 218 -8.35 22.44 7.82
N PHE B 219 -9.00 22.43 8.98
CA PHE B 219 -10.27 23.12 9.18
C PHE B 219 -10.13 24.08 10.36
N ASN B 220 -10.97 25.11 10.40
CA ASN B 220 -10.93 26.06 11.52
C ASN B 220 -12.31 26.57 11.83
N TRP B 221 -12.42 27.29 12.93
CA TRP B 221 -13.72 27.71 13.40
C TRP B 221 -14.17 29.07 12.83
N SER B 222 -13.31 29.69 12.01
CA SER B 222 -13.54 31.08 11.55
C SER B 222 -14.06 31.13 10.12
N SER B 223 -14.05 29.98 9.44
CA SER B 223 -14.32 29.89 8.01
C SER B 223 -15.11 28.61 7.72
N PRO B 224 -15.95 28.60 6.66
CA PRO B 224 -16.66 27.36 6.39
C PRO B 224 -15.84 26.45 5.50
N GLY B 225 -14.76 26.96 4.92
CA GLY B 225 -13.97 26.20 3.92
C GLY B 225 -12.73 25.53 4.48
N ILE B 226 -12.07 24.75 3.64
CA ILE B 226 -10.76 24.18 4.00
C ILE B 226 -9.69 25.27 4.00
N GLU B 227 -8.89 25.33 5.07
CA GLU B 227 -7.87 26.41 5.22
C GLU B 227 -6.67 26.12 4.32
N ARG B 228 -6.26 24.85 4.28
CA ARG B 228 -5.09 24.41 3.49
C ARG B 228 -5.09 22.89 3.51
N MET B 229 -4.24 22.27 2.69
CA MET B 229 -4.14 20.80 2.77
C MET B 229 -2.68 20.47 2.54
N CYS B 230 -2.28 19.24 2.86
CA CYS B 230 -0.86 18.93 2.79
C CYS B 230 -0.71 17.48 2.40
N PHE B 231 0.27 17.23 1.54
CA PHE B 231 0.52 15.87 1.08
C PHE B 231 1.88 15.49 1.61
N TYR B 232 1.97 14.34 2.31
CA TYR B 232 3.26 13.94 2.89
C TYR B 232 3.92 12.81 2.11
N THR B 233 5.21 12.94 1.88
CA THR B 233 6.01 11.96 1.14
C THR B 233 7.26 11.71 1.95
N ALA B 234 7.65 10.43 2.09
CA ALA B 234 8.83 10.09 2.85
C ALA B 234 9.98 9.82 1.91
N PHE B 235 11.21 10.05 2.40
CA PHE B 235 12.41 9.70 1.61
C PHE B 235 13.39 9.02 2.55
N VAL B 236 13.99 7.92 2.10
CA VAL B 236 14.71 7.04 3.04
C VAL B 236 16.08 7.58 3.46
N ASN B 237 16.61 8.57 2.72
CA ASN B 237 17.93 9.09 3.06
C ASN B 237 18.12 10.47 2.46
N ARG B 238 19.24 11.12 2.76
CA ARG B 238 19.45 12.51 2.32
C ARG B 238 19.34 12.63 0.79
N GLU B 239 19.91 11.64 0.10
CA GLU B 239 20.14 11.74 -1.32
C GLU B 239 18.85 11.65 -2.13
N THR B 240 17.86 10.98 -1.55
CA THR B 240 16.59 10.79 -2.25
C THR B 240 15.56 11.89 -1.98
N VAL B 241 15.84 12.78 -1.02
CA VAL B 241 15.04 14.01 -0.93
C VAL B 241 15.15 14.78 -2.27
N PRO B 242 14.03 15.32 -2.77
CA PRO B 242 14.09 16.05 -4.04
C PRO B 242 14.71 17.44 -3.85
N GLN B 243 16.01 17.44 -3.60
CA GLN B 243 16.75 18.62 -3.14
C GLN B 243 16.67 19.73 -4.16
N HIS B 244 16.60 19.37 -5.44
CA HIS B 244 16.61 20.35 -6.53
C HIS B 244 15.34 21.22 -6.53
N ILE B 245 14.30 20.79 -5.82
CA ILE B 245 13.01 21.50 -5.93
C ILE B 245 13.04 22.88 -5.27
N ASN B 246 13.79 23.01 -4.17
CA ASN B 246 13.82 24.29 -3.46
C ASN B 246 15.09 24.34 -2.61
N PRO B 247 15.67 25.52 -2.40
CA PRO B 247 16.89 25.62 -1.60
C PRO B 247 16.74 25.03 -0.19
N VAL B 248 15.58 25.22 0.45
CA VAL B 248 15.40 24.72 1.83
C VAL B 248 15.49 23.20 1.86
N LEU B 249 14.91 22.53 0.87
CA LEU B 249 15.00 21.08 0.82
C LEU B 249 16.45 20.64 0.67
N LYS B 250 17.18 21.30 -0.21
CA LYS B 250 18.56 20.89 -0.43
C LYS B 250 19.36 21.11 0.87
N LYS B 251 19.24 22.30 1.45
CA LYS B 251 20.06 22.64 2.61
C LYS B 251 19.73 21.71 3.78
N PHE B 252 18.45 21.47 4.04
CA PHE B 252 18.12 20.67 5.22
C PHE B 252 18.44 19.19 4.94
N ALA B 253 18.22 18.71 3.71
CA ALA B 253 18.61 17.32 3.42
C ALA B 253 20.12 17.14 3.64
N GLN B 254 20.92 18.12 3.22
CA GLN B 254 22.36 17.94 3.33
C GLN B 254 22.89 18.13 4.76
N GLU B 255 22.23 19.00 5.52
CA GLU B 255 22.81 19.51 6.76
C GLU B 255 22.02 19.17 8.02
N ALA B 256 20.80 18.64 7.91
CA ALA B 256 20.04 18.36 9.15
C ALA B 256 20.84 17.41 10.02
N PRO B 257 20.84 17.65 11.33
CA PRO B 257 21.52 16.79 12.31
C PRO B 257 20.68 15.55 12.61
N ALA B 258 21.33 14.45 12.96
CA ALA B 258 20.62 13.23 13.41
C ALA B 258 21.63 12.36 14.16
N LEU B 259 21.15 11.34 14.85
CA LEU B 259 22.10 10.40 15.45
C LEU B 259 22.55 9.30 14.49
N LEU B 260 21.86 9.20 13.35
CA LEU B 260 22.23 8.32 12.23
C LEU B 260 23.07 9.16 11.30
N ASP B 261 24.00 8.52 10.59
CA ASP B 261 24.78 9.22 9.57
C ASP B 261 23.94 9.69 8.40
N ASN B 262 22.98 8.86 8.01
CA ASN B 262 22.17 9.13 6.83
C ASN B 262 20.67 8.86 7.12
N PRO B 263 20.03 9.79 7.85
CA PRO B 263 18.64 9.64 8.24
C PRO B 263 17.67 9.81 7.08
N GLY B 264 16.47 9.25 7.23
CA GLY B 264 15.33 9.57 6.33
C GLY B 264 14.66 10.89 6.69
N PHE B 265 13.74 11.33 5.84
CA PHE B 265 13.06 12.63 5.99
C PHE B 265 11.58 12.44 5.65
N LEU B 266 10.72 13.27 6.24
CA LEU B 266 9.32 13.34 5.76
C LEU B 266 9.15 14.75 5.23
N VAL B 267 8.61 14.90 4.02
CA VAL B 267 8.37 16.22 3.47
C VAL B 267 6.86 16.39 3.36
N GLY B 268 6.35 17.56 3.80
CA GLY B 268 4.94 17.91 3.63
C GLY B 268 4.88 19.00 2.56
N TRP B 269 4.05 18.78 1.55
CA TRP B 269 3.85 19.79 0.50
C TRP B 269 2.51 20.42 0.83
N SER B 270 2.52 21.68 1.29
CA SER B 270 1.29 22.34 1.72
C SER B 270 0.77 23.22 0.59
N PHE B 271 -0.55 23.31 0.48
CA PHE B 271 -1.17 24.19 -0.50
C PHE B 271 -2.33 24.95 0.12
N GLY B 272 -2.49 26.20 -0.29
CA GLY B 272 -3.61 27.01 0.20
C GLY B 272 -4.06 27.94 -0.90
N PRO B 273 -4.88 28.94 -0.56
CA PRO B 273 -5.54 29.75 -1.58
C PRO B 273 -4.56 30.39 -2.53
N ASP B 274 -4.94 30.34 -3.81
CA ASP B 274 -4.06 30.54 -4.96
C ASP B 274 -3.37 31.88 -4.78
N ALA B 275 -2.03 31.82 -4.72
CA ALA B 275 -1.19 32.96 -4.47
C ALA B 275 -1.61 33.86 -3.30
N LYS B 276 -1.91 33.25 -2.16
CA LYS B 276 -2.28 33.99 -0.97
C LYS B 276 -2.15 33.21 0.34
N LYS B 277 -0.98 32.65 0.63
CA LYS B 277 -0.72 31.87 1.85
C LYS B 277 -1.08 30.37 1.73
N GLY B 278 -0.57 29.60 2.69
CA GLY B 278 -0.86 28.19 2.77
C GLY B 278 0.00 27.30 1.87
N THR B 279 0.74 27.86 0.93
CA THR B 279 1.60 27.07 0.01
C THR B 279 3.09 27.16 0.35
N TYR B 280 3.63 26.05 0.85
CA TYR B 280 5.02 26.05 1.31
C TYR B 280 5.41 24.58 1.54
N ILE B 281 6.66 24.37 1.95
CA ILE B 281 7.19 23.03 2.18
C ILE B 281 7.58 22.86 3.65
N LYS B 282 7.41 21.66 4.18
CA LYS B 282 7.78 21.30 5.55
C LYS B 282 8.75 20.12 5.40
N ILE B 283 9.86 20.10 6.12
CA ILE B 283 10.72 18.91 6.02
C ILE B 283 11.23 18.56 7.40
N ASP B 284 11.07 17.28 7.77
CA ASP B 284 11.44 16.77 9.12
C ASP B 284 12.56 15.77 8.94
N VAL B 285 13.58 15.86 9.78
CA VAL B 285 14.65 14.82 9.78
C VAL B 285 14.31 13.75 10.80
N ASP B 286 14.51 12.49 10.41
CA ASP B 286 14.19 11.35 11.27
C ASP B 286 15.39 11.14 12.21
N TYR B 287 15.42 11.89 13.29
CA TYR B 287 16.61 12.10 14.13
C TYR B 287 17.16 10.77 14.72
N HIS B 288 16.26 9.91 15.21
CA HIS B 288 16.65 8.59 15.72
C HIS B 288 16.40 7.42 14.76
N GLY B 289 15.88 7.69 13.56
CA GLY B 289 15.63 6.63 12.61
C GLY B 289 14.34 5.83 12.86
N LEU B 290 13.48 6.31 13.77
CA LEU B 290 12.20 5.64 14.10
C LEU B 290 11.02 6.16 13.27
N VAL B 291 11.11 7.40 12.80
CA VAL B 291 9.91 8.07 12.25
C VAL B 291 9.54 7.51 10.87
N VAL B 292 10.54 7.37 9.98
CA VAL B 292 10.21 6.90 8.64
C VAL B 292 9.66 5.45 8.66
N PRO B 293 10.32 4.54 9.42
CA PRO B 293 9.70 3.22 9.55
C PRO B 293 8.27 3.29 10.11
N SER B 294 8.05 4.12 11.14
CA SER B 294 6.69 4.26 11.71
C SER B 294 5.70 4.71 10.63
N PHE B 295 6.13 5.69 9.84
CA PHE B 295 5.28 6.26 8.81
C PHE B 295 4.86 5.18 7.79
N PHE B 296 5.82 4.40 7.29
CA PHE B 296 5.46 3.29 6.40
C PHE B 296 4.59 2.25 7.12
N HIS B 297 4.92 1.91 8.36
CA HIS B 297 4.14 0.93 9.12
C HIS B 297 2.68 1.37 9.25
N MET B 298 2.48 2.61 9.66
CA MET B 298 1.13 3.06 9.96
C MET B 298 0.28 3.14 8.68
N HIS B 299 0.93 3.18 7.52
CA HIS B 299 0.23 3.18 6.24
C HIS B 299 0.26 1.82 5.55
N ASN B 300 0.67 0.78 6.28
CA ASN B 300 0.62 -0.60 5.77
C ASN B 300 1.43 -0.74 4.48
N LEU B 301 2.59 -0.09 4.45
CA LEU B 301 3.53 -0.18 3.34
C LEU B 301 4.81 -0.87 3.78
N PRO B 302 5.34 -1.76 2.95
CA PRO B 302 6.62 -2.40 3.28
C PRO B 302 7.66 -1.39 3.73
N LEU B 303 8.32 -1.70 4.85
CA LEU B 303 9.37 -0.84 5.35
C LEU B 303 10.58 -0.87 4.43
N PRO B 304 11.13 0.31 4.15
CA PRO B 304 12.28 0.34 3.25
C PRO B 304 13.46 -0.48 3.80
N ILE B 305 13.70 -0.33 5.11
CA ILE B 305 14.71 -1.09 5.85
C ILE B 305 13.98 -2.04 6.80
N PRO B 306 13.86 -3.33 6.40
CA PRO B 306 12.80 -4.16 6.99
C PRO B 306 13.02 -4.52 8.47
N GLU B 307 14.26 -4.38 8.93
CA GLU B 307 14.62 -4.66 10.32
C GLU B 307 14.65 -3.39 11.17
N ALA B 308 14.04 -2.32 10.65
CA ALA B 308 14.06 -1.03 11.30
C ALA B 308 12.96 -1.03 12.37
N ASN B 309 13.31 -0.67 13.60
CA ASN B 309 12.32 -0.42 14.63
C ASN B 309 11.50 0.83 14.33
N SER B 310 10.32 0.91 14.95
CA SER B 310 9.45 2.06 14.83
C SER B 310 8.93 2.34 16.24
N VAL B 311 8.10 3.38 16.37
CA VAL B 311 7.46 3.65 17.67
C VAL B 311 6.52 2.50 18.05
N PHE B 312 6.13 1.68 17.06
CA PHE B 312 5.18 0.59 17.31
C PHE B 312 5.89 -0.73 17.61
N ASP B 313 7.21 -0.70 17.47
CA ASP B 313 8.05 -1.89 17.54
C ASP B 313 9.42 -1.42 18.02
N LEU B 314 9.47 -0.98 19.28
CA LEU B 314 10.64 -0.26 19.81
C LEU B 314 11.93 -1.10 19.90
N PRO B 315 13.11 -0.44 19.85
CA PRO B 315 14.44 -1.09 19.88
C PRO B 315 14.65 -2.08 21.02
O4 DST C . -6.32 -20.45 -10.19
P1 DST C . -7.16 -19.67 -11.19
O6 DST C . -7.27 -20.39 -12.52
O5 DST C . -8.51 -19.27 -10.65
O2 DST C . -6.44 -18.26 -11.50
P3 DST C . -4.88 -17.85 -11.26
O8 DST C . -4.00 -18.63 -12.18
O7 DST C . -4.51 -17.96 -9.79
S9 DST C . -4.87 -15.96 -11.81
C10 DST C . -3.14 -15.44 -11.62
C11 DST C . -3.00 -14.32 -10.57
C12 DST C . -1.83 -13.62 -10.68
C13 DST C . -1.49 -12.48 -9.70
C14 DST C . -0.50 -14.19 -11.12
C1 GOL D . -8.12 -29.08 -24.88
O1 GOL D . -8.41 -30.23 -25.64
C2 GOL D . -6.84 -28.45 -25.42
O2 GOL D . -7.00 -28.11 -26.82
C3 GOL D . -6.55 -27.19 -24.62
O3 GOL D . -5.48 -26.48 -25.22
O4 DST E . 1.93 21.56 9.49
P1 DST E . 0.71 21.23 10.33
O6 DST E . -0.57 21.47 9.56
O5 DST E . 0.71 21.96 11.67
O2 DST E . 0.67 19.65 10.64
P3 DST E . 1.90 18.60 10.59
O8 DST E . 2.51 18.59 9.22
O7 DST E . 2.95 18.94 11.63
S9 DST E . 1.16 16.79 11.10
C10 DST E . 2.35 15.56 10.41
C11 DST E . 1.74 14.09 10.40
C12 DST E . 2.60 13.06 10.20
C13 DST E . 2.20 11.53 10.22
C14 DST E . 4.12 13.13 10.18
#